data_5NCH
#
_entry.id   5NCH
#
_cell.length_a   44.365
_cell.length_b   69.837
_cell.length_c   98.378
_cell.angle_alpha   90.00
_cell.angle_beta   90.18
_cell.angle_gamma   90.00
#
_symmetry.space_group_name_H-M   'P 1 21 1'
#
loop_
_entity.id
_entity.type
_entity.pdbx_description
1 polymer 'Leucine hydroxylase'
2 water water
#
_entity_poly.entity_id   1
_entity_poly.type   'polypeptide(L)'
_entity_poly.pdbx_seq_one_letter_code
;GGRMQLTADQVEKYKSDGYVLLEGAFSPEEVHVMRQALKKDQEVQGPHRILEEDGRTVRALYASHTRQSVFDQLSRSDRL
LGPATQLLECDLYIHQFKINTKRAFGGDSWAWHQDFIVWRDTDGLPAPRAVNVGVFLSDVTEFNGPVVFLSGSHQRGTVE
RKARETSRSDQHVDPDDYSMTPAELSQMVEKHPMVSPKAASGSVMLFHPEIIHGSAPNISPFARDLLIITYNDVANAPKP
AGEPRPEYVIGRDTTPLVSRSGPLHEAA
;
_entity_poly.pdbx_strand_id   A,B
#
# COMPACT_ATOMS: atom_id res chain seq x y z
N MET A 4 -19.98 -26.80 2.10
CA MET A 4 -19.26 -25.57 2.57
C MET A 4 -20.01 -24.34 2.09
N GLN A 5 -20.97 -23.89 2.89
CA GLN A 5 -21.84 -22.79 2.50
C GLN A 5 -21.34 -21.47 3.05
N LEU A 6 -21.55 -20.41 2.27
CA LEU A 6 -21.40 -19.05 2.77
C LEU A 6 -22.48 -18.77 3.79
N THR A 7 -22.15 -17.98 4.81
CA THR A 7 -23.16 -17.52 5.74
C THR A 7 -24.04 -16.46 5.10
N ALA A 8 -25.16 -16.18 5.77
CA ALA A 8 -26.12 -15.21 5.26
C ALA A 8 -25.48 -13.84 5.07
N ASP A 9 -24.64 -13.41 6.04
CA ASP A 9 -23.95 -12.14 5.91
C ASP A 9 -22.93 -12.17 4.78
N GLN A 10 -22.31 -13.32 4.55
CA GLN A 10 -21.30 -13.41 3.48
C GLN A 10 -21.96 -13.34 2.11
N VAL A 11 -23.12 -13.97 1.95
CA VAL A 11 -23.88 -13.83 0.71
C VAL A 11 -24.26 -12.38 0.49
N GLU A 12 -24.77 -11.71 1.54
N GLU A 12 -24.81 -11.73 1.53
CA GLU A 12 -25.21 -10.33 1.36
CA GLU A 12 -25.21 -10.33 1.41
C GLU A 12 -24.04 -9.38 1.19
C GLU A 12 -24.01 -9.45 1.08
N LYS A 13 -22.88 -9.71 1.75
CA LYS A 13 -21.67 -8.96 1.47
C LYS A 13 -21.28 -9.09 0.00
N TYR A 14 -21.31 -10.32 -0.51
CA TYR A 14 -20.96 -10.54 -1.91
C TYR A 14 -21.90 -9.76 -2.83
N LYS A 15 -23.20 -9.76 -2.53
CA LYS A 15 -24.16 -9.07 -3.39
C LYS A 15 -23.99 -7.56 -3.32
N SER A 16 -23.81 -7.01 -2.12
CA SER A 16 -23.79 -5.55 -1.98
C SER A 16 -22.43 -4.98 -2.35
N ASP A 17 -21.34 -5.60 -1.86
CA ASP A 17 -20.01 -5.07 -2.04
C ASP A 17 -19.25 -5.68 -3.21
N GLY A 18 -19.67 -6.86 -3.69
CA GLY A 18 -19.06 -7.47 -4.84
C GLY A 18 -17.89 -8.39 -4.53
N TYR A 19 -17.57 -8.57 -3.25
CA TYR A 19 -16.48 -9.46 -2.89
C TYR A 19 -16.73 -9.95 -1.48
N VAL A 20 -16.09 -11.06 -1.14
CA VAL A 20 -16.14 -11.54 0.25
C VAL A 20 -14.87 -12.33 0.53
N LEU A 21 -14.33 -12.15 1.73
CA LEU A 21 -13.09 -12.81 2.14
C LEU A 21 -13.39 -13.93 3.13
N LEU A 22 -12.83 -15.12 2.84
CA LEU A 22 -12.89 -16.29 3.73
C LEU A 22 -11.48 -16.63 4.19
N GLU A 23 -11.09 -16.14 5.36
CA GLU A 23 -9.74 -16.37 5.87
C GLU A 23 -9.57 -17.81 6.30
N GLY A 24 -8.38 -18.36 6.06
CA GLY A 24 -8.04 -19.66 6.59
C GLY A 24 -8.82 -20.82 5.99
N ALA A 25 -9.27 -20.68 4.75
CA ALA A 25 -10.07 -21.74 4.12
C ALA A 25 -9.25 -23.01 3.92
N PHE A 26 -7.96 -22.86 3.61
CA PHE A 26 -7.03 -23.96 3.46
C PHE A 26 -5.94 -23.82 4.51
N SER A 27 -5.44 -24.96 4.96
CA SER A 27 -4.55 -24.96 6.11
C SER A 27 -3.12 -24.72 5.67
N PRO A 28 -2.23 -24.43 6.63
CA PRO A 28 -0.81 -24.30 6.28
C PRO A 28 -0.27 -25.50 5.55
N GLU A 29 -0.66 -26.72 5.94
N GLU A 29 -0.66 -26.73 5.93
CA GLU A 29 -0.13 -27.89 5.22
CA GLU A 29 -0.15 -27.90 5.23
C GLU A 29 -0.67 -27.97 3.80
C GLU A 29 -0.67 -27.95 3.80
N GLU A 30 -1.93 -27.56 3.58
CA GLU A 30 -2.47 -27.55 2.23
C GLU A 30 -1.83 -26.44 1.39
N VAL A 31 -1.54 -25.30 2.00
CA VAL A 31 -0.78 -24.25 1.32
C VAL A 31 0.59 -24.78 0.89
N HIS A 32 1.24 -25.52 1.77
CA HIS A 32 2.57 -26.05 1.45
C HIS A 32 2.50 -26.94 0.21
N VAL A 33 1.53 -27.86 0.15
CA VAL A 33 1.43 -28.78 -0.98
CA VAL A 33 1.47 -28.76 -0.99
C VAL A 33 1.12 -27.99 -2.26
N MET A 34 0.24 -27.00 -2.16
CA MET A 34 -0.04 -26.14 -3.31
C MET A 34 1.21 -25.39 -3.75
N ARG A 35 1.97 -24.86 -2.80
CA ARG A 35 3.17 -24.12 -3.18
C ARG A 35 4.21 -25.02 -3.83
N GLN A 36 4.34 -26.28 -3.38
CA GLN A 36 5.27 -27.17 -4.07
C GLN A 36 4.81 -27.44 -5.50
N ALA A 37 3.50 -27.58 -5.71
CA ALA A 37 3.00 -27.74 -7.07
C ALA A 37 3.22 -26.48 -7.90
N LEU A 38 3.08 -25.29 -7.29
CA LEU A 38 3.38 -24.07 -8.03
C LEU A 38 4.81 -24.09 -8.54
N LYS A 39 5.78 -24.39 -7.67
CA LYS A 39 7.17 -24.39 -8.08
C LYS A 39 7.42 -25.40 -9.19
N LYS A 40 6.76 -26.55 -9.13
CA LYS A 40 6.95 -27.56 -10.17
C LYS A 40 6.38 -27.07 -11.49
N ASP A 41 5.19 -26.49 -11.46
CA ASP A 41 4.55 -26.03 -12.68
C ASP A 41 5.28 -24.83 -13.27
N GLN A 42 5.95 -24.04 -12.44
CA GLN A 42 6.69 -22.89 -12.95
C GLN A 42 7.88 -23.30 -13.80
N GLU A 43 8.29 -24.56 -13.74
CA GLU A 43 9.40 -25.04 -14.55
C GLU A 43 8.94 -25.67 -15.85
N VAL A 44 7.64 -25.72 -16.10
CA VAL A 44 7.10 -26.33 -17.31
C VAL A 44 7.02 -25.25 -18.39
N GLN A 45 7.83 -25.40 -19.45
CA GLN A 45 7.81 -24.46 -20.55
C GLN A 45 6.55 -24.64 -21.38
N GLY A 46 6.03 -23.53 -21.88
CA GLY A 46 4.86 -23.57 -22.72
C GLY A 46 4.22 -22.21 -22.87
N PRO A 47 3.31 -22.07 -23.84
CA PRO A 47 2.62 -20.79 -24.02
C PRO A 47 1.74 -20.43 -22.83
N HIS A 48 1.39 -21.40 -21.99
CA HIS A 48 0.64 -21.15 -20.76
C HIS A 48 1.48 -20.50 -19.67
N ARG A 49 2.80 -20.42 -19.87
CA ARG A 49 3.70 -19.83 -18.90
C ARG A 49 4.14 -18.47 -19.42
N ILE A 50 3.82 -17.43 -18.66
CA ILE A 50 4.15 -16.04 -19.00
C ILE A 50 5.29 -15.62 -18.08
N LEU A 51 6.48 -15.41 -18.65
CA LEU A 51 7.63 -14.98 -17.87
C LEU A 51 7.71 -13.47 -17.84
N GLU A 52 8.44 -12.96 -16.84
CA GLU A 52 8.75 -11.54 -16.79
C GLU A 52 9.61 -11.17 -18.00
N GLU A 53 9.67 -9.88 -18.30
CA GLU A 53 10.42 -9.42 -19.47
C GLU A 53 11.90 -9.74 -19.35
N ASP A 54 12.42 -9.93 -18.14
CA ASP A 54 13.80 -10.36 -17.98
C ASP A 54 13.96 -11.88 -18.06
N GLY A 55 12.86 -12.62 -18.25
CA GLY A 55 12.92 -14.06 -18.38
C GLY A 55 13.40 -14.76 -17.13
N ARG A 56 13.60 -14.00 -16.04
CA ARG A 56 14.15 -14.57 -14.82
C ARG A 56 13.10 -15.35 -14.04
N THR A 57 11.90 -14.81 -13.89
CA THR A 57 10.86 -15.43 -13.09
C THR A 57 9.57 -15.52 -13.88
N VAL A 58 8.61 -16.23 -13.30
CA VAL A 58 7.32 -16.45 -13.93
C VAL A 58 6.37 -15.38 -13.43
N ARG A 59 5.72 -14.68 -14.36
N ARG A 59 5.71 -14.69 -14.36
CA ARG A 59 4.72 -13.67 -13.99
CA ARG A 59 4.73 -13.66 -14.05
C ARG A 59 3.31 -14.24 -13.91
C ARG A 59 3.32 -14.21 -13.95
N ALA A 60 2.98 -15.23 -14.74
CA ALA A 60 1.64 -15.80 -14.71
C ALA A 60 1.67 -17.20 -15.30
N LEU A 61 0.77 -18.07 -14.80
CA LEU A 61 0.60 -19.43 -15.25
C LEU A 61 -0.87 -19.67 -15.52
N TYR A 62 -1.17 -20.24 -16.67
CA TYR A 62 -2.53 -20.62 -17.03
C TYR A 62 -2.74 -22.12 -16.85
N ALA A 63 -3.89 -22.48 -16.29
CA ALA A 63 -4.41 -23.84 -16.33
C ALA A 63 -3.50 -24.83 -15.61
N SER A 64 -2.93 -24.42 -14.47
CA SER A 64 -2.11 -25.34 -13.70
C SER A 64 -2.89 -26.56 -13.22
N HIS A 65 -4.22 -26.46 -13.16
CA HIS A 65 -5.02 -27.60 -12.73
C HIS A 65 -5.02 -28.74 -13.75
N THR A 66 -4.61 -28.48 -15.00
CA THR A 66 -4.49 -29.52 -16.01
C THR A 66 -3.15 -30.23 -15.97
N ARG A 67 -2.21 -29.77 -15.15
CA ARG A 67 -0.88 -30.38 -15.10
C ARG A 67 -0.50 -30.88 -13.72
N GLN A 68 -1.04 -30.30 -12.65
CA GLN A 68 -0.70 -30.65 -11.28
C GLN A 68 -1.95 -31.10 -10.55
N SER A 69 -1.94 -32.33 -10.06
CA SER A 69 -3.14 -32.94 -9.51
C SER A 69 -3.69 -32.16 -8.31
N VAL A 70 -2.83 -31.56 -7.49
CA VAL A 70 -3.32 -30.84 -6.32
C VAL A 70 -4.12 -29.60 -6.75
N PHE A 71 -3.77 -29.01 -7.88
CA PHE A 71 -4.55 -27.89 -8.41
C PHE A 71 -5.85 -28.39 -9.03
N ASP A 72 -5.87 -29.61 -9.58
CA ASP A 72 -7.15 -30.22 -9.90
C ASP A 72 -7.99 -30.36 -8.64
N GLN A 73 -7.41 -30.93 -7.57
CA GLN A 73 -8.14 -31.07 -6.31
C GLN A 73 -8.63 -29.71 -5.82
N LEU A 74 -7.79 -28.70 -5.91
CA LEU A 74 -8.20 -27.37 -5.44
C LEU A 74 -9.37 -26.88 -6.27
N SER A 75 -9.27 -27.00 -7.59
CA SER A 75 -10.26 -26.42 -8.49
C SER A 75 -11.66 -27.01 -8.29
N ARG A 76 -11.75 -28.20 -7.71
CA ARG A 76 -13.03 -28.85 -7.47
C ARG A 76 -13.36 -28.97 -5.99
N SER A 77 -12.54 -28.41 -5.11
CA SER A 77 -12.81 -28.46 -3.68
C SER A 77 -14.22 -27.97 -3.37
N ASP A 78 -14.93 -28.70 -2.53
CA ASP A 78 -16.21 -28.19 -2.09
C ASP A 78 -16.09 -26.87 -1.33
N ARG A 79 -14.90 -26.53 -0.84
CA ARG A 79 -14.73 -25.24 -0.16
C ARG A 79 -14.81 -24.07 -1.12
N LEU A 80 -14.55 -24.31 -2.41
CA LEU A 80 -14.74 -23.31 -3.45
C LEU A 80 -16.05 -23.49 -4.21
N LEU A 81 -16.37 -24.75 -4.57
CA LEU A 81 -17.56 -25.00 -5.37
C LEU A 81 -18.84 -24.85 -4.55
N GLY A 82 -18.79 -25.11 -3.25
CA GLY A 82 -19.94 -24.93 -2.41
C GLY A 82 -20.42 -23.49 -2.49
N PRO A 83 -19.51 -22.56 -2.17
CA PRO A 83 -19.87 -21.14 -2.30
C PRO A 83 -20.25 -20.76 -3.72
N ALA A 84 -19.46 -21.18 -4.72
CA ALA A 84 -19.74 -20.84 -6.11
C ALA A 84 -21.11 -21.34 -6.54
N THR A 85 -21.43 -22.60 -6.24
CA THR A 85 -22.74 -23.14 -6.61
C THR A 85 -23.86 -22.44 -5.87
N GLN A 86 -23.61 -22.06 -4.62
CA GLN A 86 -24.62 -21.40 -3.83
C GLN A 86 -24.97 -20.03 -4.41
N LEU A 87 -23.96 -19.32 -4.93
CA LEU A 87 -24.19 -18.00 -5.51
C LEU A 87 -24.84 -18.08 -6.89
N LEU A 88 -24.55 -19.12 -7.66
CA LEU A 88 -25.00 -19.18 -9.04
C LEU A 88 -26.13 -20.17 -9.26
N GLU A 89 -26.30 -21.15 -8.37
CA GLU A 89 -27.45 -22.06 -8.38
C GLU A 89 -27.57 -22.82 -9.71
N CYS A 90 -26.44 -23.36 -10.18
CA CYS A 90 -26.38 -24.08 -11.44
C CYS A 90 -25.18 -25.03 -11.42
N ASP A 91 -25.04 -25.82 -12.47
CA ASP A 91 -23.82 -26.56 -12.69
C ASP A 91 -22.73 -25.62 -13.20
N LEU A 92 -21.47 -25.93 -12.87
CA LEU A 92 -20.36 -25.03 -13.12
C LEU A 92 -19.20 -25.73 -13.81
N TYR A 93 -18.45 -24.96 -14.58
CA TYR A 93 -17.20 -25.42 -15.15
C TYR A 93 -16.20 -24.27 -15.05
N ILE A 94 -14.96 -24.56 -15.41
CA ILE A 94 -13.86 -23.61 -15.21
C ILE A 94 -13.72 -22.77 -16.47
N HIS A 95 -14.03 -21.49 -16.36
CA HIS A 95 -13.84 -20.51 -17.43
C HIS A 95 -12.36 -20.14 -17.56
N GLN A 96 -11.68 -19.96 -16.45
CA GLN A 96 -10.27 -19.60 -16.47
C GLN A 96 -9.62 -20.02 -15.14
N PHE A 97 -8.39 -20.50 -15.23
CA PHE A 97 -7.56 -20.87 -14.08
C PHE A 97 -6.23 -20.17 -14.27
N LYS A 98 -5.86 -19.29 -13.34
CA LYS A 98 -4.68 -18.46 -13.52
CA LYS A 98 -4.68 -18.47 -13.52
C LYS A 98 -4.00 -18.26 -12.19
N ILE A 99 -2.67 -18.25 -12.20
CA ILE A 99 -1.85 -17.88 -11.06
C ILE A 99 -1.05 -16.66 -11.47
N ASN A 100 -1.25 -15.53 -10.79
CA ASN A 100 -0.56 -14.29 -11.08
C ASN A 100 0.47 -14.06 -9.98
N THR A 101 1.72 -13.93 -10.38
CA THR A 101 2.79 -13.65 -9.44
C THR A 101 3.20 -12.20 -9.60
N LYS A 102 3.14 -11.45 -8.51
CA LYS A 102 3.55 -10.05 -8.49
C LYS A 102 4.94 -9.99 -7.89
N ARG A 103 5.94 -9.75 -8.75
CA ARG A 103 7.33 -9.81 -8.32
C ARG A 103 7.60 -8.80 -7.23
N ALA A 104 8.59 -9.12 -6.39
CA ALA A 104 9.04 -8.19 -5.39
C ALA A 104 9.44 -6.86 -6.04
N PHE A 105 9.18 -5.77 -5.33
CA PHE A 105 9.62 -4.45 -5.77
C PHE A 105 9.10 -4.11 -7.16
N GLY A 106 7.89 -4.57 -7.47
CA GLY A 106 7.25 -4.31 -8.75
C GLY A 106 5.87 -3.66 -8.62
N ASP A 108 4.57 1.19 -10.48
CA ASP A 108 3.13 1.00 -10.37
C ASP A 108 2.65 -0.02 -11.40
N SER A 109 1.35 0.00 -11.71
CA SER A 109 0.77 -0.94 -12.67
C SER A 109 -0.47 -0.37 -13.34
N TRP A 110 -1.25 0.43 -12.62
CA TRP A 110 -2.51 1.00 -13.13
C TRP A 110 -3.39 -0.08 -13.77
N ALA A 111 -3.84 -0.99 -12.92
CA ALA A 111 -4.52 -2.20 -13.37
C ALA A 111 -6.03 -2.13 -13.16
N TRP A 112 -6.61 -0.93 -13.10
CA TRP A 112 -8.04 -0.80 -12.87
C TRP A 112 -8.80 -1.35 -14.06
N HIS A 113 -9.56 -2.42 -13.84
CA HIS A 113 -10.33 -2.99 -14.95
C HIS A 113 -11.44 -3.83 -14.36
N GLN A 114 -12.30 -4.28 -15.27
CA GLN A 114 -13.41 -5.17 -14.96
C GLN A 114 -13.27 -6.38 -15.86
N ASP A 115 -13.41 -7.57 -15.29
CA ASP A 115 -13.19 -8.80 -16.05
C ASP A 115 -14.28 -9.02 -17.10
N PHE A 116 -15.54 -8.79 -16.72
CA PHE A 116 -16.64 -9.24 -17.59
C PHE A 116 -16.60 -8.59 -18.96
N ILE A 117 -16.36 -7.28 -19.04
CA ILE A 117 -16.38 -6.63 -20.36
C ILE A 117 -15.32 -7.24 -21.25
N VAL A 118 -14.17 -7.63 -20.69
CA VAL A 118 -13.14 -8.28 -21.49
C VAL A 118 -13.66 -9.62 -22.00
N TRP A 119 -14.20 -10.44 -21.11
CA TRP A 119 -14.66 -11.76 -21.51
C TRP A 119 -15.86 -11.65 -22.45
N ARG A 120 -16.72 -10.65 -22.24
CA ARG A 120 -17.84 -10.48 -23.15
C ARG A 120 -17.34 -10.13 -24.55
N ASP A 121 -16.52 -9.09 -24.66
CA ASP A 121 -16.18 -8.55 -25.96
C ASP A 121 -14.96 -9.18 -26.59
N THR A 122 -14.09 -9.81 -25.79
CA THR A 122 -12.99 -10.55 -26.38
C THR A 122 -13.35 -12.00 -26.67
N ASP A 123 -14.10 -12.66 -25.77
CA ASP A 123 -14.33 -14.10 -25.84
C ASP A 123 -15.78 -14.50 -26.08
N GLY A 124 -16.71 -13.56 -26.13
CA GLY A 124 -18.11 -13.91 -26.36
C GLY A 124 -18.82 -14.47 -25.16
N LEU A 125 -18.37 -14.20 -23.95
CA LEU A 125 -19.13 -14.56 -22.76
C LEU A 125 -20.45 -13.80 -22.77
N PRO A 126 -21.60 -14.48 -22.70
CA PRO A 126 -22.87 -13.76 -22.86
C PRO A 126 -23.25 -12.88 -21.69
N ALA A 127 -23.10 -13.36 -20.46
CA ALA A 127 -23.64 -12.71 -19.28
C ALA A 127 -22.68 -12.89 -18.12
N PRO A 128 -22.80 -12.07 -17.09
CA PRO A 128 -21.87 -12.21 -15.95
C PRO A 128 -22.32 -13.25 -14.95
N ARG A 129 -22.78 -14.42 -15.41
CA ARG A 129 -23.21 -15.50 -14.54
C ARG A 129 -22.02 -16.41 -14.20
N ALA A 130 -21.01 -15.78 -13.63
CA ALA A 130 -19.80 -16.45 -13.22
C ALA A 130 -19.36 -15.86 -11.89
N VAL A 131 -18.38 -16.49 -11.25
CA VAL A 131 -17.81 -15.96 -10.01
C VAL A 131 -16.31 -16.18 -10.01
N ASN A 132 -15.58 -15.15 -9.60
CA ASN A 132 -14.14 -15.21 -9.50
C ASN A 132 -13.76 -15.66 -8.10
N VAL A 133 -12.86 -16.63 -8.02
CA VAL A 133 -12.45 -17.18 -6.73
C VAL A 133 -10.94 -17.01 -6.63
N GLY A 134 -10.49 -16.18 -5.70
CA GLY A 134 -9.07 -16.02 -5.43
C GLY A 134 -8.63 -16.90 -4.28
N VAL A 135 -7.47 -17.53 -4.43
CA VAL A 135 -6.86 -18.36 -3.39
C VAL A 135 -5.48 -17.79 -3.13
N PHE A 136 -5.20 -17.45 -1.87
CA PHE A 136 -3.95 -16.80 -1.48
C PHE A 136 -2.89 -17.87 -1.34
N LEU A 137 -1.96 -17.93 -2.28
CA LEU A 137 -0.87 -18.88 -2.20
C LEU A 137 0.30 -18.30 -1.43
N SER A 138 0.32 -16.98 -1.29
CA SER A 138 1.19 -16.28 -0.36
CA SER A 138 1.18 -16.34 -0.32
C SER A 138 0.32 -15.50 0.61
N ASP A 139 0.91 -15.04 1.71
CA ASP A 139 0.19 -14.04 2.48
C ASP A 139 -0.12 -12.87 1.55
N VAL A 140 -1.20 -12.16 1.86
CA VAL A 140 -1.52 -10.92 1.17
C VAL A 140 -1.58 -9.82 2.22
N THR A 141 -0.68 -8.86 2.10
CA THR A 141 -0.54 -7.78 3.07
C THR A 141 -0.74 -6.44 2.38
N GLU A 142 -0.68 -5.37 3.16
CA GLU A 142 -0.76 -4.05 2.56
C GLU A 142 0.48 -3.72 1.74
N PHE A 143 1.55 -4.50 1.83
CA PHE A 143 2.80 -4.13 1.19
C PHE A 143 3.19 -4.98 -0.01
N ASN A 144 2.56 -6.13 -0.23
CA ASN A 144 3.03 -7.01 -1.29
C ASN A 144 2.04 -7.08 -2.45
N GLY A 145 1.21 -6.05 -2.60
CA GLY A 145 0.44 -5.85 -3.81
C GLY A 145 -0.88 -6.60 -3.81
N PRO A 146 -1.71 -6.32 -2.83
CA PRO A 146 -3.04 -6.93 -2.80
C PRO A 146 -3.89 -6.40 -3.94
N VAL A 147 -4.93 -7.18 -4.26
CA VAL A 147 -5.99 -6.68 -5.13
C VAL A 147 -6.77 -5.60 -4.40
N VAL A 148 -7.06 -4.52 -5.11
CA VAL A 148 -7.83 -3.39 -4.57
C VAL A 148 -9.14 -3.36 -5.35
N PHE A 149 -10.26 -3.51 -4.63
CA PHE A 149 -11.59 -3.41 -5.19
C PHE A 149 -12.16 -2.02 -4.96
N LEU A 150 -13.00 -1.60 -5.88
CA LEU A 150 -13.88 -0.46 -5.65
C LEU A 150 -15.19 -1.03 -5.14
N SER A 151 -15.43 -0.88 -3.84
CA SER A 151 -16.52 -1.59 -3.19
C SER A 151 -17.85 -1.22 -3.85
N GLY A 152 -18.63 -2.24 -4.18
CA GLY A 152 -19.93 -2.05 -4.79
C GLY A 152 -19.93 -1.67 -6.25
N SER A 153 -18.76 -1.52 -6.90
CA SER A 153 -18.74 -1.02 -8.27
C SER A 153 -19.37 -1.99 -9.26
N HIS A 154 -19.52 -3.27 -8.88
CA HIS A 154 -20.23 -4.22 -9.73
C HIS A 154 -21.68 -3.83 -9.92
N GLN A 155 -22.24 -3.00 -9.02
CA GLN A 155 -23.62 -2.54 -9.17
C GLN A 155 -23.82 -1.72 -10.44
N ARG A 156 -22.74 -1.17 -11.00
CA ARG A 156 -22.83 -0.39 -12.24
C ARG A 156 -23.09 -1.27 -13.47
N GLY A 157 -23.00 -2.59 -13.34
CA GLY A 157 -23.06 -3.40 -14.53
C GLY A 157 -21.96 -3.06 -15.52
N THR A 158 -22.29 -3.25 -16.79
CA THR A 158 -21.35 -3.14 -17.89
C THR A 158 -22.03 -2.45 -19.06
N VAL A 159 -21.34 -1.45 -19.63
CA VAL A 159 -21.91 -0.74 -20.76
C VAL A 159 -21.98 -1.65 -21.99
N GLU A 160 -22.85 -1.28 -22.92
CA GLU A 160 -22.97 -1.99 -24.19
C GLU A 160 -21.76 -1.71 -25.09
N ARG A 161 -21.31 -2.74 -25.81
CA ARG A 161 -20.12 -2.61 -26.66
C ARG A 161 -20.30 -1.50 -27.70
N MET A 180 -9.54 2.41 -17.95
CA MET A 180 -10.22 3.67 -17.67
C MET A 180 -9.23 4.77 -17.29
N THR A 181 -9.74 5.99 -17.22
CA THR A 181 -8.91 7.17 -17.01
C THR A 181 -8.87 7.58 -15.54
N PRO A 182 -7.90 8.43 -15.17
CA PRO A 182 -7.89 8.94 -13.79
C PRO A 182 -9.15 9.69 -13.42
N ALA A 183 -9.66 10.52 -14.32
CA ALA A 183 -10.89 11.26 -14.03
C ALA A 183 -12.04 10.30 -13.75
N GLU A 184 -12.16 9.23 -14.54
CA GLU A 184 -13.22 8.26 -14.32
C GLU A 184 -13.02 7.57 -12.97
N LEU A 185 -11.79 7.19 -12.66
CA LEU A 185 -11.53 6.55 -11.37
C LEU A 185 -11.85 7.48 -10.21
N SER A 186 -11.51 8.75 -10.32
CA SER A 186 -11.82 9.71 -9.26
C SER A 186 -13.33 9.78 -9.03
N GLN A 187 -14.11 9.84 -10.10
CA GLN A 187 -15.56 9.85 -9.94
C GLN A 187 -16.04 8.55 -9.30
N MET A 188 -15.43 7.43 -9.69
CA MET A 188 -15.88 6.13 -9.22
C MET A 188 -15.66 5.97 -7.72
N VAL A 189 -14.53 6.44 -7.21
CA VAL A 189 -14.15 6.15 -5.84
C VAL A 189 -15.08 6.85 -4.86
N GLU A 190 -15.71 7.95 -5.27
N GLU A 190 -15.67 7.98 -5.26
CA GLU A 190 -16.63 8.65 -4.38
CA GLU A 190 -16.65 8.66 -4.43
C GLU A 190 -17.75 7.73 -3.90
C GLU A 190 -17.70 7.69 -3.92
N LYS A 191 -18.35 6.98 -4.84
CA LYS A 191 -19.42 6.05 -4.48
C LYS A 191 -18.92 4.64 -4.17
N HIS A 192 -17.71 4.28 -4.60
CA HIS A 192 -17.20 2.91 -4.52
C HIS A 192 -15.78 2.91 -3.97
N PRO A 193 -15.64 2.98 -2.66
CA PRO A 193 -14.31 3.21 -2.08
C PRO A 193 -13.36 2.03 -2.27
N MET A 194 -12.07 2.35 -2.21
CA MET A 194 -11.04 1.32 -2.30
C MET A 194 -11.03 0.47 -1.06
N VAL A 195 -10.96 -0.84 -1.26
CA VAL A 195 -10.82 -1.80 -0.17
C VAL A 195 -9.92 -2.92 -0.67
N SER A 196 -9.01 -3.39 0.19
CA SER A 196 -8.09 -4.46 -0.18
C SER A 196 -8.18 -5.61 0.80
N PRO A 197 -8.78 -6.74 0.44
CA PRO A 197 -8.70 -7.93 1.29
C PRO A 197 -7.26 -8.31 1.56
N LYS A 198 -6.93 -8.45 2.85
CA LYS A 198 -5.60 -8.88 3.29
C LYS A 198 -5.77 -10.01 4.27
N ALA A 199 -5.03 -11.10 4.05
CA ALA A 199 -5.13 -12.26 4.94
C ALA A 199 -3.98 -13.21 4.66
N ALA A 200 -3.81 -14.18 5.56
CA ALA A 200 -2.75 -15.16 5.44
C ALA A 200 -2.98 -16.10 4.26
N SER A 201 -1.87 -16.65 3.77
CA SER A 201 -1.93 -17.71 2.74
C SER A 201 -2.95 -18.76 3.14
N GLY A 202 -3.65 -19.29 2.14
CA GLY A 202 -4.73 -20.22 2.38
C GLY A 202 -6.09 -19.58 2.42
N SER A 203 -6.15 -18.27 2.53
CA SER A 203 -7.43 -17.59 2.51
C SER A 203 -7.97 -17.56 1.08
N VAL A 204 -9.27 -17.35 1.01
N VAL A 204 -9.28 -17.38 0.97
CA VAL A 204 -10.02 -17.35 -0.25
CA VAL A 204 -9.92 -17.36 -0.34
C VAL A 204 -10.84 -16.07 -0.31
C VAL A 204 -10.93 -16.23 -0.39
N MET A 205 -10.95 -15.51 -1.50
CA MET A 205 -11.89 -14.41 -1.70
C MET A 205 -12.67 -14.65 -2.97
N LEU A 206 -13.98 -14.41 -2.90
N LEU A 206 -13.98 -14.44 -2.89
CA LEU A 206 -14.84 -14.50 -4.07
CA LEU A 206 -14.85 -14.45 -4.05
C LEU A 206 -15.25 -13.10 -4.48
C LEU A 206 -15.10 -13.02 -4.49
N PHE A 207 -15.26 -12.83 -5.79
CA PHE A 207 -15.59 -11.49 -6.27
C PHE A 207 -16.31 -11.54 -7.61
N HIS A 208 -17.11 -10.52 -7.83
CA HIS A 208 -18.08 -10.47 -8.90
C HIS A 208 -17.41 -10.11 -10.23
N PRO A 209 -17.79 -10.75 -11.34
CA PRO A 209 -17.13 -10.46 -12.62
C PRO A 209 -17.23 -9.00 -13.06
N GLU A 210 -18.18 -8.22 -12.55
CA GLU A 210 -18.37 -6.83 -12.96
C GLU A 210 -17.76 -5.82 -11.98
N ILE A 211 -17.07 -6.29 -10.94
CA ILE A 211 -16.47 -5.34 -10.02
C ILE A 211 -15.20 -4.79 -10.63
N ILE A 212 -14.93 -3.52 -10.34
CA ILE A 212 -13.71 -2.86 -10.79
C ILE A 212 -12.62 -3.16 -9.76
N HIS A 213 -11.48 -3.64 -10.24
CA HIS A 213 -10.39 -3.96 -9.33
C HIS A 213 -9.06 -3.64 -9.98
N GLY A 214 -8.06 -3.39 -9.13
CA GLY A 214 -6.70 -3.23 -9.55
C GLY A 214 -5.81 -3.92 -8.54
N SER A 215 -4.50 -3.83 -8.76
N SER A 215 -4.50 -3.79 -8.75
CA SER A 215 -3.53 -4.43 -7.85
CA SER A 215 -3.51 -4.41 -7.89
C SER A 215 -2.51 -3.38 -7.48
C SER A 215 -2.53 -3.33 -7.49
N ALA A 216 -2.40 -3.09 -6.19
CA ALA A 216 -1.43 -2.14 -5.71
C ALA A 216 -0.01 -2.67 -5.97
N PRO A 217 0.98 -1.78 -6.02
CA PRO A 217 2.36 -2.21 -6.22
C PRO A 217 2.88 -3.02 -5.03
N ASN A 218 3.75 -3.98 -5.35
CA ASN A 218 4.43 -4.81 -4.37
C ASN A 218 5.71 -4.09 -4.00
N ILE A 219 5.73 -3.41 -2.84
CA ILE A 219 6.93 -2.71 -2.38
C ILE A 219 7.74 -3.56 -1.42
N SER A 220 7.36 -4.83 -1.25
CA SER A 220 8.03 -5.77 -0.36
C SER A 220 9.12 -6.54 -1.11
N PRO A 221 10.01 -7.20 -0.38
CA PRO A 221 11.05 -8.01 -1.03
C PRO A 221 10.63 -9.40 -1.44
N PHE A 222 9.36 -9.79 -1.27
CA PHE A 222 8.94 -11.14 -1.62
C PHE A 222 7.81 -11.10 -2.64
N ALA A 223 7.81 -12.12 -3.49
CA ALA A 223 6.76 -12.27 -4.48
C ALA A 223 5.44 -12.60 -3.81
N ARG A 224 4.35 -12.14 -4.42
CA ARG A 224 3.00 -12.45 -3.97
C ARG A 224 2.32 -13.28 -5.05
N ASP A 225 1.87 -14.47 -4.67
CA ASP A 225 1.29 -15.45 -5.58
C ASP A 225 -0.20 -15.52 -5.34
N LEU A 226 -1.01 -15.19 -6.35
CA LEU A 226 -2.47 -15.16 -6.22
C LEU A 226 -3.07 -16.03 -7.31
N LEU A 227 -3.87 -17.01 -6.91
CA LEU A 227 -4.54 -17.93 -7.82
C LEU A 227 -5.99 -17.47 -7.99
N ILE A 228 -6.43 -17.34 -9.24
CA ILE A 228 -7.80 -16.93 -9.55
C ILE A 228 -8.43 -18.03 -10.37
N ILE A 229 -9.53 -18.59 -9.88
CA ILE A 229 -10.36 -19.52 -10.64
C ILE A 229 -11.69 -18.82 -10.93
N THR A 230 -12.06 -18.76 -12.21
CA THR A 230 -13.38 -18.24 -12.60
C THR A 230 -14.29 -19.43 -12.91
N TYR A 231 -15.33 -19.60 -12.12
CA TYR A 231 -16.35 -20.60 -12.37
C TYR A 231 -17.52 -19.97 -13.15
N ASN A 232 -18.01 -20.71 -14.15
CA ASN A 232 -19.04 -20.21 -15.03
C ASN A 232 -20.22 -21.18 -15.11
N ASP A 233 -21.42 -20.63 -15.26
CA ASP A 233 -22.61 -21.44 -15.53
C ASP A 233 -22.42 -22.25 -16.83
N VAL A 234 -22.67 -23.56 -16.76
CA VAL A 234 -22.55 -24.39 -17.96
C VAL A 234 -23.44 -23.85 -19.08
N ALA A 235 -24.55 -23.22 -18.73
CA ALA A 235 -25.46 -22.66 -19.73
C ALA A 235 -25.02 -21.29 -20.24
N ASN A 236 -23.89 -20.77 -19.76
CA ASN A 236 -23.41 -19.43 -20.11
C ASN A 236 -22.09 -19.51 -20.88
N ALA A 237 -21.87 -20.64 -21.55
CA ALA A 237 -20.61 -20.87 -22.25
C ALA A 237 -20.37 -19.77 -23.27
N PRO A 238 -19.11 -19.35 -23.47
CA PRO A 238 -18.84 -18.34 -24.50
C PRO A 238 -19.39 -18.78 -25.85
N LYS A 239 -19.93 -17.80 -26.59
CA LYS A 239 -20.34 -17.97 -27.97
C LYS A 239 -19.54 -16.98 -28.79
N PRO A 240 -18.23 -17.17 -28.89
CA PRO A 240 -17.41 -16.21 -29.61
C PRO A 240 -17.77 -16.15 -31.09
N ALA A 241 -17.78 -14.94 -31.62
CA ALA A 241 -17.93 -14.73 -33.06
C ALA A 241 -16.60 -14.79 -33.79
N GLY A 242 -15.49 -14.51 -33.11
CA GLY A 242 -14.17 -14.55 -33.71
C GLY A 242 -13.40 -15.80 -33.35
N GLU A 243 -12.11 -15.76 -33.66
CA GLU A 243 -11.22 -16.88 -33.39
C GLU A 243 -11.09 -17.05 -31.88
N PRO A 244 -11.50 -18.18 -31.30
CA PRO A 244 -11.43 -18.32 -29.84
C PRO A 244 -10.00 -18.24 -29.31
N ARG A 245 -9.86 -17.67 -28.12
CA ARG A 245 -8.58 -17.70 -27.44
C ARG A 245 -8.27 -19.14 -27.01
N PRO A 246 -7.00 -19.46 -26.78
CA PRO A 246 -6.65 -20.86 -26.52
C PRO A 246 -7.33 -21.37 -25.26
N GLU A 247 -7.46 -22.70 -25.20
CA GLU A 247 -8.25 -23.32 -24.15
C GLU A 247 -7.62 -23.11 -22.78
N TYR A 248 -6.30 -22.95 -22.71
CA TYR A 248 -5.71 -22.76 -21.40
C TYR A 248 -6.05 -21.38 -20.85
N VAL A 249 -6.46 -20.45 -21.70
CA VAL A 249 -6.90 -19.12 -21.27
C VAL A 249 -8.41 -19.09 -21.01
N ILE A 250 -9.19 -19.65 -21.92
CA ILE A 250 -10.65 -19.60 -21.85
C ILE A 250 -11.15 -21.04 -21.98
N GLY A 251 -11.73 -21.58 -20.92
CA GLY A 251 -12.16 -22.96 -20.94
C GLY A 251 -13.21 -23.23 -22.00
N ARG A 252 -13.17 -24.45 -22.58
CA ARG A 252 -14.11 -24.88 -23.59
C ARG A 252 -14.95 -26.08 -23.21
N ASP A 253 -14.53 -26.86 -22.22
CA ASP A 253 -15.22 -28.09 -21.81
C ASP A 253 -16.22 -27.74 -20.72
N THR A 254 -17.50 -27.79 -21.07
CA THR A 254 -18.56 -27.35 -20.18
C THR A 254 -19.12 -28.49 -19.33
N THR A 255 -18.46 -29.64 -19.31
N THR A 255 -18.46 -29.64 -19.30
CA THR A 255 -18.92 -30.73 -18.48
CA THR A 255 -18.94 -30.74 -18.48
C THR A 255 -18.99 -30.27 -17.02
C THR A 255 -18.99 -30.30 -17.01
N PRO A 256 -20.11 -30.48 -16.32
CA PRO A 256 -20.17 -30.08 -14.91
C PRO A 256 -19.05 -30.67 -14.08
N LEU A 257 -18.49 -29.83 -13.21
CA LEU A 257 -17.44 -30.27 -12.30
C LEU A 257 -18.01 -31.19 -11.24
N VAL A 258 -17.23 -32.20 -10.90
CA VAL A 258 -17.54 -33.07 -9.76
C VAL A 258 -16.90 -32.42 -8.55
N SER A 259 -17.70 -32.15 -7.54
CA SER A 259 -17.16 -31.56 -6.33
C SER A 259 -16.36 -32.59 -5.54
N ARG A 260 -15.22 -32.16 -4.99
CA ARG A 260 -14.35 -33.02 -4.21
C ARG A 260 -14.36 -32.62 -2.73
N SER A 261 -14.61 -33.59 -1.86
CA SER A 261 -14.57 -33.39 -0.41
C SER A 261 -13.24 -33.85 0.15
N GLY A 262 -12.74 -33.13 1.14
CA GLY A 262 -11.60 -33.56 1.90
C GLY A 262 -10.41 -32.64 1.73
N PRO A 263 -9.34 -32.92 2.47
CA PRO A 263 -8.13 -32.09 2.36
C PRO A 263 -7.45 -32.25 1.01
N LEU A 264 -6.66 -31.25 0.67
CA LEU A 264 -5.72 -31.40 -0.43
C LEU A 264 -4.60 -32.32 0.02
N HIS A 265 -4.07 -33.11 -0.90
CA HIS A 265 -2.92 -33.93 -0.55
C HIS A 265 -1.96 -34.02 -1.74
N GLU A 266 -0.69 -34.24 -1.42
CA GLU A 266 0.32 -34.48 -2.45
C GLU A 266 -0.13 -35.62 -3.36
N ALA A 267 0.05 -35.42 -4.65
CA ALA A 267 -0.41 -36.37 -5.66
C ALA A 267 0.39 -36.14 -6.94
N ALA A 268 1.06 -37.19 -7.40
CA ALA A 268 1.90 -37.12 -8.58
C ALA A 268 1.07 -36.78 -9.82
N MET B 4 2.31 18.63 27.71
CA MET B 4 1.94 17.54 26.76
C MET B 4 3.09 16.54 26.70
N GLN B 5 2.86 15.34 27.21
CA GLN B 5 3.92 14.37 27.41
C GLN B 5 3.52 13.02 26.83
N LEU B 6 4.53 12.26 26.40
CA LEU B 6 4.31 10.88 26.05
C LEU B 6 4.15 10.06 27.32
N THR B 7 3.29 9.05 27.24
CA THR B 7 3.20 8.07 28.31
C THR B 7 4.44 7.21 28.34
N ALA B 8 4.67 6.54 29.48
CA ALA B 8 5.83 5.67 29.60
C ALA B 8 5.88 4.66 28.45
N ASP B 9 4.74 4.05 28.11
CA ASP B 9 4.70 3.09 27.02
C ASP B 9 5.02 3.75 25.68
N GLN B 10 4.55 4.98 25.47
CA GLN B 10 4.84 5.68 24.22
C GLN B 10 6.32 5.98 24.10
N VAL B 11 6.96 6.33 25.22
CA VAL B 11 8.40 6.54 25.21
C VAL B 11 9.11 5.24 24.84
N GLU B 12 8.71 4.13 25.45
CA GLU B 12 9.36 2.85 25.19
C GLU B 12 9.10 2.38 23.77
N LYS B 13 7.92 2.71 23.23
CA LYS B 13 7.63 2.39 21.84
C LYS B 13 8.53 3.20 20.90
N TYR B 14 8.67 4.49 21.17
CA TYR B 14 9.60 5.29 20.38
C TYR B 14 11.01 4.70 20.46
N LYS B 15 11.45 4.32 21.66
CA LYS B 15 12.81 3.80 21.79
C LYS B 15 12.98 2.45 21.09
N SER B 16 11.98 1.58 21.19
CA SER B 16 12.18 0.22 20.68
C SER B 16 11.90 0.15 19.19
N ASP B 17 10.79 0.75 18.75
CA ASP B 17 10.39 0.66 17.36
C ASP B 17 10.89 1.82 16.50
N GLY B 18 11.29 2.93 17.11
CA GLY B 18 11.77 4.07 16.37
C GLY B 18 10.71 5.08 15.96
N TYR B 19 9.45 4.85 16.31
CA TYR B 19 8.37 5.77 15.97
C TYR B 19 7.24 5.57 16.99
N VAL B 20 6.37 6.56 17.07
CA VAL B 20 5.16 6.44 17.88
C VAL B 20 4.10 7.38 17.30
N LEU B 21 2.87 6.90 17.26
CA LEU B 21 1.73 7.61 16.68
C LEU B 21 0.85 8.17 17.78
N LEU B 22 0.57 9.47 17.71
CA LEU B 22 -0.36 10.18 18.59
C LEU B 22 -1.57 10.64 17.78
N GLU B 23 -2.66 9.87 17.83
CA GLU B 23 -3.81 10.20 17.00
C GLU B 23 -4.57 11.39 17.60
N GLY B 24 -5.14 12.23 16.72
CA GLY B 24 -6.05 13.26 17.19
C GLY B 24 -5.39 14.38 17.98
N ALA B 25 -4.09 14.62 17.76
CA ALA B 25 -3.38 15.66 18.49
C ALA B 25 -3.98 17.04 18.25
N PHE B 26 -4.26 17.35 16.98
CA PHE B 26 -4.85 18.63 16.60
C PHE B 26 -6.27 18.40 16.10
N SER B 27 -7.13 19.38 16.37
CA SER B 27 -8.55 19.25 16.08
C SER B 27 -8.84 19.43 14.60
N PRO B 28 -10.01 19.02 14.14
CA PRO B 28 -10.37 19.30 12.73
C PRO B 28 -10.33 20.78 12.41
N GLU B 29 -10.76 21.64 13.36
CA GLU B 29 -10.66 23.08 13.11
C GLU B 29 -9.22 23.50 12.91
N GLU B 30 -8.29 22.93 13.71
CA GLU B 30 -6.89 23.29 13.56
C GLU B 30 -6.34 22.77 12.24
N VAL B 31 -6.77 21.58 11.82
CA VAL B 31 -6.33 21.07 10.52
C VAL B 31 -6.77 22.01 9.42
N HIS B 32 -8.02 22.48 9.47
CA HIS B 32 -8.52 23.41 8.48
C HIS B 32 -7.66 24.66 8.40
N VAL B 33 -7.37 25.26 9.57
CA VAL B 33 -6.54 26.46 9.59
C VAL B 33 -5.19 26.19 8.93
N MET B 34 -4.57 25.05 9.25
N MET B 34 -4.61 25.02 9.22
CA MET B 34 -3.28 24.71 8.67
CA MET B 34 -3.30 24.69 8.67
C MET B 34 -3.38 24.46 7.16
C MET B 34 -3.36 24.40 7.17
N ARG B 35 -4.45 23.78 6.71
CA ARG B 35 -4.59 23.54 5.28
C ARG B 35 -4.80 24.83 4.49
N GLN B 36 -5.55 25.79 5.06
CA GLN B 36 -5.70 27.06 4.35
C GLN B 36 -4.36 27.77 4.26
N ALA B 37 -3.55 27.69 5.34
CA ALA B 37 -2.23 28.29 5.31
C ALA B 37 -1.31 27.59 4.33
N LEU B 38 -1.46 26.27 4.18
CA LEU B 38 -0.66 25.52 3.22
C LEU B 38 -1.01 25.95 1.80
N LYS B 39 -2.31 26.03 1.49
CA LYS B 39 -2.74 26.49 0.17
C LYS B 39 -2.18 27.89 -0.14
N LYS B 40 -2.18 28.77 0.85
CA LYS B 40 -1.68 30.11 0.60
C LYS B 40 -0.17 30.08 0.36
N ASP B 41 0.56 29.33 1.19
CA ASP B 41 2.01 29.30 1.09
C ASP B 41 2.49 28.63 -0.20
N GLN B 42 1.73 27.66 -0.74
CA GLN B 42 2.09 27.06 -2.02
C GLN B 42 2.10 28.05 -3.18
N GLU B 43 1.53 29.24 -3.02
CA GLU B 43 1.54 30.24 -4.09
C GLU B 43 2.83 31.05 -4.14
N VAL B 44 3.69 30.95 -3.14
CA VAL B 44 4.95 31.70 -3.11
C VAL B 44 5.96 31.02 -4.01
N GLN B 45 6.52 31.76 -4.96
CA GLN B 45 7.51 31.24 -5.90
C GLN B 45 8.91 31.38 -5.31
N GLY B 46 9.62 30.27 -5.20
CA GLY B 46 10.96 30.26 -4.65
C GLY B 46 11.59 28.89 -4.68
N PRO B 47 12.92 28.82 -4.51
CA PRO B 47 13.59 27.52 -4.52
C PRO B 47 13.28 26.66 -3.29
N HIS B 48 12.61 27.22 -2.28
CA HIS B 48 12.03 26.46 -1.18
C HIS B 48 10.83 25.63 -1.60
N ARG B 49 10.29 25.84 -2.80
CA ARG B 49 9.11 25.15 -3.32
C ARG B 49 9.54 24.22 -4.45
N ILE B 50 9.42 22.92 -4.21
CA ILE B 50 9.77 21.91 -5.19
C ILE B 50 8.50 21.45 -5.89
N LEU B 51 8.43 21.72 -7.20
CA LEU B 51 7.27 21.29 -7.97
C LEU B 51 7.44 19.85 -8.42
N GLU B 52 6.31 19.21 -8.71
CA GLU B 52 6.35 17.87 -9.27
C GLU B 52 7.00 17.91 -10.65
N GLU B 53 7.38 16.73 -11.12
CA GLU B 53 8.06 16.62 -12.41
C GLU B 53 7.31 17.39 -13.49
N ASP B 54 5.99 17.26 -13.55
CA ASP B 54 5.21 17.94 -14.58
C ASP B 54 4.91 19.39 -14.24
N GLY B 55 5.42 19.89 -13.11
CA GLY B 55 5.32 21.29 -12.76
C GLY B 55 3.93 21.79 -12.44
N ARG B 56 2.95 20.91 -12.34
CA ARG B 56 1.57 21.34 -12.15
C ARG B 56 1.16 21.39 -10.68
N THR B 57 1.92 20.77 -9.78
CA THR B 57 1.61 20.77 -8.36
C THR B 57 2.89 20.84 -7.56
N VAL B 58 2.73 21.10 -6.27
CA VAL B 58 3.85 21.23 -5.35
C VAL B 58 4.16 19.86 -4.76
N ARG B 59 5.41 19.44 -4.85
CA ARG B 59 5.87 18.18 -4.27
C ARG B 59 6.39 18.36 -2.85
N ALA B 60 7.16 19.43 -2.60
CA ALA B 60 7.67 19.71 -1.28
C ALA B 60 7.80 21.21 -1.08
N LEU B 61 7.59 21.64 0.16
CA LEU B 61 7.63 23.03 0.55
C LEU B 61 8.51 23.14 1.79
N TYR B 62 9.56 23.95 1.73
CA TYR B 62 10.43 24.17 2.87
C TYR B 62 10.11 25.48 3.60
N ALA B 63 10.11 25.38 4.93
CA ALA B 63 10.13 26.53 5.85
C ALA B 63 8.86 27.38 5.80
N SER B 64 7.69 26.74 5.69
CA SER B 64 6.44 27.49 5.76
C SER B 64 6.30 28.26 7.08
N HIS B 65 6.93 27.76 8.15
CA HIS B 65 6.83 28.42 9.46
C HIS B 65 7.44 29.82 9.45
N THR B 66 8.29 30.13 8.47
CA THR B 66 8.88 31.46 8.33
C THR B 66 7.99 32.41 7.54
N ARG B 67 6.93 31.90 6.93
CA ARG B 67 6.06 32.68 6.07
C ARG B 67 4.62 32.72 6.55
N GLN B 68 4.15 31.70 7.25
CA GLN B 68 2.77 31.63 7.71
C GLN B 68 2.74 31.48 9.23
N SER B 69 2.07 32.42 9.91
CA SER B 69 2.07 32.43 11.37
C SER B 69 1.47 31.16 11.97
N VAL B 70 0.46 30.58 11.32
N VAL B 70 0.48 30.56 11.33
CA VAL B 70 -0.14 29.35 11.82
CA VAL B 70 -0.11 29.36 11.94
C VAL B 70 0.91 28.25 11.94
C VAL B 70 0.90 28.23 11.94
N PHE B 71 1.85 28.23 11.00
CA PHE B 71 2.89 27.21 11.02
C PHE B 71 4.00 27.57 11.99
N ASP B 72 4.22 28.86 12.26
CA ASP B 72 5.03 29.20 13.42
C ASP B 72 4.37 28.68 14.70
N GLN B 73 3.06 28.92 14.84
CA GLN B 73 2.36 28.41 16.03
C GLN B 73 2.55 26.92 16.16
N LEU B 74 2.33 26.20 15.06
CA LEU B 74 2.45 24.75 15.12
C LEU B 74 3.85 24.35 15.58
N SER B 75 4.87 24.97 14.99
CA SER B 75 6.25 24.55 15.21
C SER B 75 6.66 24.70 16.67
N ARG B 76 6.03 25.61 17.40
CA ARG B 76 6.34 25.85 18.80
C ARG B 76 5.25 25.34 19.73
N SER B 77 4.23 24.67 19.19
N SER B 77 4.26 24.63 19.20
CA SER B 77 3.14 24.18 20.02
CA SER B 77 3.17 24.14 20.03
C SER B 77 3.67 23.19 21.05
C SER B 77 3.66 23.23 21.14
N ASP B 78 3.16 23.32 22.28
N ASP B 78 3.05 23.39 22.33
CA ASP B 78 3.60 22.41 23.34
CA ASP B 78 3.32 22.51 23.45
C ASP B 78 3.17 20.97 23.09
C ASP B 78 3.19 21.04 23.05
N ARG B 79 2.20 20.74 22.22
CA ARG B 79 1.88 19.37 21.85
C ARG B 79 2.98 18.70 21.05
N LEU B 80 3.85 19.48 20.41
CA LEU B 80 5.00 18.91 19.72
C LEU B 80 6.30 19.07 20.49
N LEU B 81 6.55 20.26 21.05
CA LEU B 81 7.78 20.49 21.78
C LEU B 81 7.82 19.78 23.11
N GLY B 82 6.67 19.51 23.73
CA GLY B 82 6.65 18.78 24.96
C GLY B 82 7.23 17.37 24.80
N PRO B 83 6.64 16.59 23.90
CA PRO B 83 7.21 15.26 23.60
C PRO B 83 8.64 15.33 23.09
N ALA B 84 8.98 16.33 22.27
CA ALA B 84 10.34 16.45 21.78
C ALA B 84 11.32 16.73 22.92
N THR B 85 10.98 17.65 23.83
CA THR B 85 11.82 17.94 24.99
C THR B 85 11.92 16.74 25.92
N GLN B 86 10.82 16.02 26.09
CA GLN B 86 10.85 14.82 26.89
C GLN B 86 11.89 13.84 26.36
N LEU B 87 11.95 13.68 25.03
CA LEU B 87 12.85 12.69 24.46
C LEU B 87 14.30 13.15 24.50
N LEU B 88 14.55 14.45 24.32
CA LEU B 88 15.91 14.94 24.16
C LEU B 88 16.45 15.70 25.35
N GLU B 89 15.60 16.23 26.23
CA GLU B 89 16.02 16.79 27.51
C GLU B 89 17.01 17.93 27.35
N CYS B 90 16.67 18.89 26.47
CA CYS B 90 17.54 20.01 26.15
C CYS B 90 16.70 21.11 25.50
N ASP B 91 17.33 22.27 25.32
CA ASP B 91 16.70 23.29 24.48
C ASP B 91 16.73 22.84 23.02
N LEU B 92 15.74 23.29 22.25
CA LEU B 92 15.61 22.83 20.87
C LEU B 92 15.45 24.01 19.93
N TYR B 93 15.86 23.77 18.68
CA TYR B 93 15.52 24.66 17.58
C TYR B 93 15.15 23.79 16.38
N ILE B 94 14.71 24.47 15.32
CA ILE B 94 14.15 23.79 14.16
C ILE B 94 15.26 23.53 13.17
N HIS B 95 15.64 22.25 13.01
CA HIS B 95 16.64 21.88 12.02
C HIS B 95 16.06 21.93 10.62
N GLN B 96 14.80 21.51 10.48
CA GLN B 96 14.19 21.49 9.16
C GLN B 96 12.67 21.49 9.34
N PHE B 97 11.99 22.17 8.42
CA PHE B 97 10.53 22.25 8.40
C PHE B 97 10.11 22.02 6.96
N LYS B 98 9.32 20.98 6.71
CA LYS B 98 8.95 20.70 5.33
C LYS B 98 7.56 20.09 5.30
N ILE B 99 6.84 20.36 4.22
CA ILE B 99 5.54 19.77 3.97
C ILE B 99 5.69 19.01 2.67
N ASN B 100 5.52 17.69 2.73
CA ASN B 100 5.71 16.80 1.59
C ASN B 100 4.34 16.40 1.07
N THR B 101 4.14 16.59 -0.22
CA THR B 101 2.89 16.21 -0.86
C THR B 101 3.15 15.06 -1.80
N LYS B 102 2.38 14.00 -1.63
CA LYS B 102 2.39 12.87 -2.56
C LYS B 102 1.15 13.04 -3.44
N ARG B 103 1.39 13.33 -4.71
CA ARG B 103 0.33 13.57 -5.64
C ARG B 103 -0.51 12.32 -5.83
N ALA B 104 -1.76 12.53 -6.22
CA ALA B 104 -2.63 11.40 -6.56
C ALA B 104 -2.04 10.60 -7.71
N PHE B 105 -2.38 9.31 -7.75
CA PHE B 105 -1.93 8.42 -8.81
C PHE B 105 -0.44 8.62 -9.11
N GLY B 106 0.37 8.61 -8.07
CA GLY B 106 1.75 9.07 -8.17
C GLY B 106 2.79 8.07 -8.62
N GLY B 107 2.46 6.79 -8.56
CA GLY B 107 3.38 5.76 -9.00
C GLY B 107 4.46 5.45 -7.98
N ASP B 108 5.07 4.27 -8.14
CA ASP B 108 6.07 3.79 -7.19
C ASP B 108 7.43 4.42 -7.49
N SER B 109 8.04 4.97 -6.45
CA SER B 109 9.40 5.49 -6.52
C SER B 109 10.23 4.86 -5.41
N TRP B 110 11.47 4.53 -5.73
CA TRP B 110 12.39 3.94 -4.76
C TRP B 110 12.93 5.06 -3.89
N ALA B 111 12.35 5.19 -2.69
CA ALA B 111 12.61 6.35 -1.83
C ALA B 111 13.10 5.97 -0.44
N TRP B 112 13.51 4.72 -0.23
CA TRP B 112 14.00 4.30 1.08
C TRP B 112 15.21 5.13 1.47
N HIS B 113 15.24 5.62 2.70
CA HIS B 113 16.37 6.44 3.10
C HIS B 113 16.41 6.56 4.61
N GLN B 114 17.50 7.16 5.08
CA GLN B 114 17.73 7.42 6.48
C GLN B 114 18.11 8.87 6.57
N ASP B 115 17.43 9.61 7.45
CA ASP B 115 17.64 11.06 7.50
C ASP B 115 19.04 11.40 7.99
N PHE B 116 19.47 10.74 9.07
CA PHE B 116 20.65 11.23 9.77
C PHE B 116 21.89 11.18 8.90
N ILE B 117 22.08 10.11 8.12
CA ILE B 117 23.33 9.99 7.39
C ILE B 117 23.49 11.13 6.40
N VAL B 118 22.37 11.57 5.80
CA VAL B 118 22.44 12.71 4.89
C VAL B 118 22.80 13.98 5.63
N TRP B 119 22.16 14.22 6.78
CA TRP B 119 22.41 15.45 7.52
C TRP B 119 23.84 15.48 8.04
N ARG B 120 24.35 14.32 8.45
CA ARG B 120 25.73 14.24 8.92
C ARG B 120 26.71 14.52 7.80
N ASP B 121 26.60 13.79 6.69
CA ASP B 121 27.64 13.83 5.67
C ASP B 121 27.45 14.98 4.70
N THR B 122 26.23 15.42 4.46
CA THR B 122 26.04 16.58 3.60
C THR B 122 26.13 17.88 4.39
N ASP B 123 25.53 17.92 5.58
CA ASP B 123 25.30 19.17 6.29
C ASP B 123 26.15 19.35 7.54
N GLY B 124 26.89 18.32 7.98
CA GLY B 124 27.75 18.44 9.13
C GLY B 124 27.06 18.28 10.47
N LEU B 125 25.84 17.75 10.49
CA LEU B 125 25.16 17.44 11.73
C LEU B 125 26.00 16.43 12.53
N PRO B 126 26.40 16.74 13.76
CA PRO B 126 27.35 15.85 14.43
C PRO B 126 26.75 14.51 14.86
N ALA B 127 25.52 14.51 15.37
CA ALA B 127 24.98 13.37 16.09
C ALA B 127 23.46 13.33 15.89
N PRO B 128 22.84 12.16 16.10
CA PRO B 128 21.39 12.04 15.89
C PRO B 128 20.59 12.47 17.10
N ARG B 129 21.00 13.57 17.73
CA ARG B 129 20.30 14.12 18.90
C ARG B 129 19.21 15.10 18.44
N ALA B 130 18.29 14.53 17.68
CA ALA B 130 17.20 15.25 17.06
C ALA B 130 16.02 14.29 17.01
N VAL B 131 14.83 14.81 16.72
CA VAL B 131 13.61 14.03 16.59
C VAL B 131 12.82 14.58 15.43
N ASN B 132 12.31 13.70 14.60
CA ASN B 132 11.40 14.08 13.53
C ASN B 132 9.97 14.01 14.04
N VAL B 133 9.18 15.04 13.72
CA VAL B 133 7.80 15.10 14.16
C VAL B 133 6.94 15.32 12.92
N GLY B 134 6.14 14.31 12.57
CA GLY B 134 5.21 14.43 11.45
C GLY B 134 3.83 14.88 11.93
N VAL B 135 3.20 15.75 11.13
CA VAL B 135 1.83 16.18 11.37
C VAL B 135 1.02 15.86 10.12
N PHE B 136 -0.05 15.07 10.30
CA PHE B 136 -0.85 14.64 9.16
C PHE B 136 -1.77 15.79 8.76
N LEU B 137 -1.56 16.38 7.59
CA LEU B 137 -2.45 17.41 7.10
C LEU B 137 -3.54 16.82 6.23
N SER B 138 -3.42 15.53 5.94
N SER B 138 -3.45 15.52 5.94
CA SER B 138 -4.43 14.72 5.28
CA SER B 138 -4.52 14.79 5.29
C SER B 138 -4.63 13.48 6.14
C SER B 138 -4.58 13.42 5.96
N ASP B 139 -5.79 12.84 5.98
CA ASP B 139 -5.93 11.48 6.48
C ASP B 139 -4.87 10.64 5.78
N VAL B 140 -4.21 9.77 6.53
CA VAL B 140 -3.20 8.87 5.96
C VAL B 140 -3.81 7.48 5.99
N THR B 141 -3.92 6.86 4.83
CA THR B 141 -4.53 5.55 4.71
C THR B 141 -3.56 4.63 4.01
N GLU B 142 -3.99 3.38 3.82
CA GLU B 142 -3.12 2.43 3.12
C GLU B 142 -2.98 2.78 1.65
N PHE B 143 -3.87 3.63 1.10
CA PHE B 143 -3.91 3.87 -0.34
C PHE B 143 -3.31 5.20 -0.77
N ASN B 144 -3.06 6.14 0.14
CA ASN B 144 -2.66 7.47 -0.31
C ASN B 144 -1.21 7.79 0.05
N GLY B 145 -0.35 6.78 0.08
CA GLY B 145 1.09 6.98 0.21
C GLY B 145 1.58 7.24 1.62
N PRO B 146 1.22 6.35 2.54
CA PRO B 146 1.72 6.48 3.92
C PRO B 146 3.22 6.32 4.00
N VAL B 147 3.80 6.89 5.05
CA VAL B 147 5.19 6.58 5.37
C VAL B 147 5.29 5.15 5.85
N VAL B 148 6.24 4.42 5.31
CA VAL B 148 6.55 3.05 5.74
C VAL B 148 7.87 3.10 6.50
N PHE B 149 7.83 2.69 7.76
CA PHE B 149 9.03 2.50 8.56
C PHE B 149 9.47 1.04 8.53
N LEU B 150 10.78 0.85 8.64
CA LEU B 150 11.33 -0.48 8.94
C LEU B 150 11.47 -0.51 10.45
N SER B 151 10.53 -1.19 11.10
CA SER B 151 10.39 -1.08 12.56
C SER B 151 11.69 -1.49 13.27
N GLY B 152 12.16 -0.61 14.14
CA GLY B 152 13.36 -0.90 14.93
C GLY B 152 14.66 -0.67 14.21
N SER B 153 14.62 -0.24 12.95
CA SER B 153 15.84 -0.18 12.14
C SER B 153 16.76 0.92 12.62
N HIS B 154 16.25 1.88 13.38
CA HIS B 154 17.12 2.89 13.98
C HIS B 154 18.13 2.28 14.95
N GLN B 155 17.83 1.10 15.48
CA GLN B 155 18.76 0.40 16.36
C GLN B 155 20.07 0.06 15.67
N ARG B 156 20.09 0.04 14.34
CA ARG B 156 21.30 -0.26 13.59
C ARG B 156 22.29 0.88 13.61
N GLY B 157 21.91 2.06 14.11
CA GLY B 157 22.81 3.19 14.05
C GLY B 157 23.06 3.60 12.61
N THR B 158 24.23 4.18 12.37
CA THR B 158 24.61 4.71 11.07
C THR B 158 26.08 4.39 10.85
N VAL B 159 26.42 3.96 9.63
CA VAL B 159 27.81 3.64 9.34
C VAL B 159 28.68 4.88 9.52
N GLU B 160 29.93 4.66 9.91
CA GLU B 160 30.91 5.74 9.95
C GLU B 160 31.41 5.99 8.52
N ARG B 161 31.50 7.25 8.13
CA ARG B 161 31.95 7.63 6.76
C ARG B 161 31.55 9.07 6.44
N ASP B 174 25.48 15.54 -4.53
CA ASP B 174 26.10 14.91 -3.36
C ASP B 174 25.03 14.24 -2.50
N PRO B 175 23.98 14.98 -2.10
CA PRO B 175 22.88 14.32 -1.38
C PRO B 175 22.21 13.24 -2.22
N ASP B 176 22.12 13.44 -3.54
CA ASP B 176 21.50 12.48 -4.44
C ASP B 176 22.34 11.23 -4.64
N ASP B 177 23.59 11.23 -4.18
CA ASP B 177 24.43 10.04 -4.33
C ASP B 177 24.02 8.94 -3.35
N TYR B 178 23.49 9.30 -2.18
CA TYR B 178 23.05 8.27 -1.24
C TYR B 178 21.84 7.53 -1.77
N SER B 179 21.78 6.25 -1.45
CA SER B 179 20.69 5.36 -1.84
C SER B 179 21.03 3.99 -1.27
N MET B 180 20.06 3.09 -1.31
CA MET B 180 20.32 1.71 -0.91
C MET B 180 19.71 0.77 -1.94
N THR B 181 20.23 -0.45 -1.97
CA THR B 181 19.79 -1.38 -3.00
C THR B 181 18.62 -2.21 -2.52
N PRO B 182 17.89 -2.83 -3.45
CA PRO B 182 16.86 -3.80 -3.03
C PRO B 182 17.43 -4.87 -2.14
N ALA B 183 18.65 -5.32 -2.43
CA ALA B 183 19.28 -6.35 -1.59
C ALA B 183 19.48 -5.84 -0.17
N GLU B 184 19.94 -4.60 0.00
CA GLU B 184 20.03 -3.99 1.33
C GLU B 184 18.67 -3.94 2.00
N LEU B 185 17.66 -3.40 1.31
CA LEU B 185 16.31 -3.36 1.88
C LEU B 185 15.86 -4.76 2.28
N SER B 186 16.08 -5.76 1.42
CA SER B 186 15.68 -7.11 1.76
C SER B 186 16.28 -7.56 3.09
N GLN B 187 17.58 -7.34 3.28
CA GLN B 187 18.21 -7.77 4.52
C GLN B 187 17.62 -7.05 5.72
N MET B 188 17.40 -5.74 5.59
N MET B 188 17.37 -5.75 5.58
CA MET B 188 16.81 -4.96 6.68
CA MET B 188 16.81 -4.96 6.67
C MET B 188 15.44 -5.49 7.10
C MET B 188 15.44 -5.51 7.10
N VAL B 189 14.59 -5.83 6.13
CA VAL B 189 13.22 -6.27 6.45
C VAL B 189 13.23 -7.54 7.26
N GLU B 190 14.26 -8.37 7.11
CA GLU B 190 14.40 -9.60 7.89
C GLU B 190 14.16 -9.33 9.38
N LYS B 191 14.86 -8.35 9.94
CA LYS B 191 14.71 -8.05 11.36
C LYS B 191 13.85 -6.82 11.63
N HIS B 192 13.55 -6.01 10.62
CA HIS B 192 12.86 -4.73 10.81
C HIS B 192 11.69 -4.64 9.86
N PRO B 193 10.54 -5.18 10.24
CA PRO B 193 9.43 -5.30 9.28
C PRO B 193 8.82 -3.95 8.94
N MET B 194 8.22 -3.92 7.76
CA MET B 194 7.51 -2.74 7.29
C MET B 194 6.28 -2.49 8.14
N VAL B 195 6.09 -1.24 8.54
CA VAL B 195 4.91 -0.82 9.28
C VAL B 195 4.56 0.59 8.82
N SER B 196 3.27 0.85 8.65
N SER B 196 3.27 0.85 8.66
CA SER B 196 2.81 2.15 8.13
CA SER B 196 2.79 2.14 8.14
C SER B 196 1.78 2.72 9.10
C SER B 196 1.77 2.71 9.11
N PRO B 197 2.14 3.72 9.88
CA PRO B 197 1.15 4.40 10.71
C PRO B 197 0.08 5.05 9.85
N LYS B 198 -1.17 4.75 10.16
CA LYS B 198 -2.31 5.30 9.44
C LYS B 198 -3.23 5.97 10.44
N ALA B 199 -3.70 7.18 10.14
CA ALA B 199 -4.57 7.91 11.07
C ALA B 199 -5.17 9.12 10.38
N ALA B 200 -6.18 9.70 11.04
CA ALA B 200 -6.87 10.87 10.52
C ALA B 200 -5.97 12.10 10.59
N SER B 201 -6.27 13.07 9.71
CA SER B 201 -5.58 14.35 9.75
C SER B 201 -5.59 14.91 11.16
N GLY B 202 -4.53 15.62 11.51
CA GLY B 202 -4.37 16.14 12.87
C GLY B 202 -3.58 15.23 13.77
N SER B 203 -3.35 13.99 13.35
CA SER B 203 -2.53 13.08 14.12
C SER B 203 -1.07 13.46 13.99
N VAL B 204 -0.28 12.99 14.95
CA VAL B 204 1.13 13.31 15.03
C VAL B 204 1.88 12.01 15.14
N MET B 205 3.00 11.90 14.44
CA MET B 205 3.90 10.78 14.72
C MET B 205 5.33 11.30 14.91
N LEU B 206 5.99 10.79 15.95
N LEU B 206 6.01 10.79 15.93
CA LEU B 206 7.41 11.00 16.16
CA LEU B 206 7.42 11.09 16.14
C LEU B 206 8.18 9.87 15.49
C LEU B 206 8.26 9.90 15.70
N PHE B 207 9.39 10.18 15.03
CA PHE B 207 10.24 9.11 14.57
C PHE B 207 11.70 9.53 14.62
N HIS B 208 12.57 8.52 14.82
CA HIS B 208 13.99 8.66 15.10
C HIS B 208 14.76 8.99 13.82
N PRO B 209 15.75 9.89 13.90
CA PRO B 209 16.50 10.28 12.69
C PRO B 209 17.25 9.14 12.02
N GLU B 210 17.53 8.03 12.70
CA GLU B 210 18.28 6.93 12.13
C GLU B 210 17.38 5.80 11.65
N ILE B 211 16.07 5.98 11.70
CA ILE B 211 15.20 4.92 11.21
C ILE B 211 15.17 4.95 9.68
N ILE B 212 15.03 3.76 9.10
CA ILE B 212 14.87 3.63 7.66
C ILE B 212 13.39 3.81 7.34
N HIS B 213 13.08 4.67 6.37
CA HIS B 213 11.70 4.85 5.97
C HIS B 213 11.60 5.17 4.48
N GLY B 214 10.41 4.90 3.94
CA GLY B 214 10.04 5.27 2.59
C GLY B 214 8.54 5.43 2.60
N SER B 215 8.01 6.02 1.54
CA SER B 215 6.57 6.15 1.41
C SER B 215 6.09 5.16 0.35
N ALA B 216 4.94 4.56 0.62
CA ALA B 216 4.28 3.74 -0.39
C ALA B 216 3.69 4.64 -1.47
N PRO B 217 3.42 4.08 -2.65
CA PRO B 217 2.82 4.87 -3.73
C PRO B 217 1.40 5.27 -3.38
N ASN B 218 1.01 6.46 -3.82
CA ASN B 218 -0.34 6.96 -3.61
C ASN B 218 -1.15 6.53 -4.83
N ILE B 219 -1.95 5.48 -4.68
CA ILE B 219 -2.80 5.00 -5.78
C ILE B 219 -4.18 5.62 -5.73
N SER B 220 -4.45 6.49 -4.76
CA SER B 220 -5.73 7.13 -4.59
C SER B 220 -5.84 8.34 -5.51
N PRO B 221 -7.06 8.87 -5.68
CA PRO B 221 -7.23 10.08 -6.49
C PRO B 221 -6.98 11.37 -5.74
N PHE B 222 -6.46 11.34 -4.52
CA PHE B 222 -6.28 12.55 -3.73
C PHE B 222 -4.86 12.68 -3.23
N ALA B 223 -4.39 13.92 -3.18
CA ALA B 223 -3.07 14.21 -2.64
C ALA B 223 -3.04 13.96 -1.14
N ARG B 224 -1.85 13.62 -0.64
CA ARG B 224 -1.59 13.36 0.77
C ARG B 224 -0.54 14.36 1.23
N ASP B 225 -0.89 15.17 2.21
CA ASP B 225 -0.02 16.23 2.71
C ASP B 225 0.52 15.82 4.07
N LEU B 226 1.85 15.78 4.19
CA LEU B 226 2.52 15.37 5.41
C LEU B 226 3.53 16.43 5.78
N LEU B 227 3.37 16.99 6.98
CA LEU B 227 4.29 17.99 7.49
C LEU B 227 5.30 17.32 8.41
N ILE B 228 6.58 17.64 8.24
CA ILE B 228 7.63 17.07 9.08
C ILE B 228 8.46 18.22 9.65
N ILE B 229 8.53 18.29 10.97
CA ILE B 229 9.42 19.19 11.68
C ILE B 229 10.51 18.37 12.35
N THR B 230 11.75 18.75 12.14
CA THR B 230 12.88 18.13 12.82
C THR B 230 13.41 19.09 13.88
N TYR B 231 13.29 18.71 15.14
CA TYR B 231 13.82 19.49 16.26
C TYR B 231 15.19 18.95 16.61
N ASN B 232 16.13 19.86 16.87
CA ASN B 232 17.50 19.48 17.10
C ASN B 232 18.01 20.13 18.39
N ASP B 233 18.83 19.39 19.13
CA ASP B 233 19.51 19.93 20.29
C ASP B 233 20.30 21.17 19.90
N VAL B 234 20.11 22.27 20.65
CA VAL B 234 20.85 23.49 20.39
C VAL B 234 22.35 23.25 20.50
N ALA B 235 22.78 22.25 21.26
CA ALA B 235 24.19 21.92 21.39
C ALA B 235 24.70 21.04 20.25
N ASN B 236 23.82 20.64 19.33
CA ASN B 236 24.13 19.71 18.26
C ASN B 236 24.07 20.38 16.89
N ALA B 237 24.47 21.66 16.83
CA ALA B 237 24.30 22.41 15.60
C ALA B 237 25.24 21.88 14.52
N PRO B 238 24.79 21.84 13.27
CA PRO B 238 25.68 21.46 12.17
C PRO B 238 26.95 22.29 12.15
N LYS B 239 28.05 21.61 11.83
CA LYS B 239 29.35 22.21 11.60
C LYS B 239 29.78 21.79 10.20
N PRO B 240 29.19 22.38 9.17
CA PRO B 240 29.55 22.01 7.79
C PRO B 240 30.99 22.34 7.46
N ALA B 241 31.58 21.50 6.62
CA ALA B 241 32.95 21.73 6.14
C ALA B 241 33.00 22.63 4.93
N GLY B 242 31.97 22.60 4.08
CA GLY B 242 31.91 23.44 2.89
C GLY B 242 30.75 24.42 2.93
N GLU B 243 30.40 24.97 1.77
CA GLU B 243 29.28 25.92 1.69
C GLU B 243 28.01 25.24 2.18
N PRO B 244 27.32 25.79 3.18
CA PRO B 244 26.12 25.10 3.70
C PRO B 244 24.95 25.26 2.75
N ARG B 245 24.02 24.31 2.86
CA ARG B 245 22.79 24.36 2.10
C ARG B 245 21.94 25.54 2.59
N PRO B 246 20.91 25.91 1.83
CA PRO B 246 20.10 27.07 2.24
C PRO B 246 19.50 26.86 3.62
N GLU B 247 19.26 27.99 4.29
CA GLU B 247 18.67 27.98 5.62
C GLU B 247 17.26 27.39 5.60
N TYR B 248 16.58 27.44 4.47
CA TYR B 248 15.24 26.86 4.46
C TYR B 248 15.32 25.34 4.42
N VAL B 249 16.48 24.78 4.03
CA VAL B 249 16.69 23.35 4.14
C VAL B 249 17.25 22.98 5.51
N ILE B 250 18.30 23.68 5.95
CA ILE B 250 19.00 23.36 7.18
C ILE B 250 19.02 24.61 8.06
N GLY B 251 18.33 24.54 9.20
CA GLY B 251 18.26 25.70 10.07
C GLY B 251 19.64 26.12 10.56
N ARG B 252 19.77 27.42 10.82
CA ARG B 252 21.01 27.99 11.32
C ARG B 252 20.84 28.74 12.62
N ASP B 253 19.64 29.20 12.96
CA ASP B 253 19.38 29.95 14.18
C ASP B 253 19.11 28.99 15.32
N THR B 254 20.08 28.82 16.20
CA THR B 254 19.97 27.88 17.30
C THR B 254 19.38 28.49 18.56
N THR B 255 18.77 29.67 18.47
CA THR B 255 18.12 30.24 19.63
C THR B 255 17.05 29.27 20.14
N PRO B 256 17.03 28.96 21.44
CA PRO B 256 16.02 28.03 21.93
C PRO B 256 14.61 28.51 21.60
N LEU B 257 13.76 27.56 21.20
CA LEU B 257 12.36 27.84 20.91
C LEU B 257 11.59 28.16 22.18
N VAL B 258 10.74 29.16 22.08
CA VAL B 258 9.74 29.46 23.10
C VAL B 258 8.50 28.62 22.81
N SER B 259 8.08 27.83 23.79
CA SER B 259 6.92 26.97 23.61
C SER B 259 5.63 27.78 23.71
N ARG B 260 4.63 27.36 22.94
CA ARG B 260 3.35 28.07 22.86
C ARG B 260 2.24 27.15 23.32
N SER B 261 1.43 27.64 24.27
CA SER B 261 0.27 26.93 24.79
C SER B 261 -1.00 27.38 24.06
N GLY B 262 -1.89 26.43 23.81
CA GLY B 262 -3.21 26.73 23.32
C GLY B 262 -3.48 26.27 21.90
N PRO B 263 -4.71 26.49 21.43
CA PRO B 263 -5.06 26.07 20.07
C PRO B 263 -4.32 26.88 19.01
N LEU B 264 -4.21 26.28 17.83
CA LEU B 264 -3.80 27.04 16.66
C LEU B 264 -4.95 27.97 16.26
N HIS B 265 -4.62 29.15 15.73
CA HIS B 265 -5.67 30.03 15.23
C HIS B 265 -5.20 30.77 13.98
N GLU B 266 -6.17 31.16 13.17
CA GLU B 266 -5.88 31.92 11.97
C GLU B 266 -5.15 33.20 12.36
N ALA B 267 -4.00 33.42 11.72
CA ALA B 267 -3.18 34.60 11.99
C ALA B 267 -2.57 35.05 10.67
N ALA B 268 -2.88 36.28 10.26
CA ALA B 268 -2.36 36.82 9.01
C ALA B 268 -0.83 36.95 9.08
#